data_6M8C
#
_entry.id   6M8C
#
_cell.length_a   78.230
_cell.length_b   78.230
_cell.length_c   85.120
_cell.angle_alpha   90.00
_cell.angle_beta   90.00
_cell.angle_gamma   90.00
#
_symmetry.space_group_name_H-M   'P 42 21 2'
#
loop_
_entity.id
_entity.type
_entity.pdbx_description
1 polymer 'Inositol polyphosphate multikinase,Inositol polyphosphate multikinase'
2 non-polymer isorhamnetin
3 water water
#
_entity_poly.entity_id   1
_entity_poly.type   'polypeptide(L)'
_entity_poly.pdbx_seq_one_letter_code
;GSFTSHQVAGHMYGKDKVGILQHPDGTVLKQLQPPPRGPRELEFYNMVYAADCFDGVLLELRKYLPKYYGIWSPPTAPND
LYLKLEDVTHKFNKPCIMDVKIGQKSYDPFASSEKIQQQVSKYPLMEEIGFLVLGMRVYHVHSDSYETENQHYGRSLTKE
TIKDGVSRFFHNGYCLRKDAVAASIQKIEKILQWFENQKQLNFYASSLLFVYEGSSQGGSGGEVEVRMIDFAHVFPSNTI
DEGYVYGLKHLISVLRSILDN
;
_entity_poly.pdbx_strand_id   A
#
loop_
_chem_comp.id
_chem_comp.type
_chem_comp.name
_chem_comp.formula
IRH non-polymer isorhamnetin 'C16 H12 O7'
#
# COMPACT_ATOMS: atom_id res chain seq x y z
N ILE A 20 -3.00 8.71 -10.44
CA ILE A 20 -2.01 9.52 -9.66
C ILE A 20 -1.24 10.42 -10.62
N LEU A 21 -1.20 11.72 -10.32
CA LEU A 21 -0.48 12.71 -11.13
C LEU A 21 0.70 13.21 -10.33
N GLN A 22 1.87 12.92 -10.88
CA GLN A 22 3.10 13.28 -10.27
C GLN A 22 3.47 14.64 -10.67
N HIS A 23 3.78 15.40 -9.66
CA HIS A 23 4.18 16.75 -9.81
C HIS A 23 5.67 16.91 -9.49
N PRO A 24 6.38 17.77 -10.24
CA PRO A 24 7.81 17.95 -9.93
C PRO A 24 8.12 18.70 -8.60
N ASP A 25 7.16 19.31 -7.90
CA ASP A 25 7.32 19.73 -6.48
C ASP A 25 7.34 18.62 -5.38
N GLY A 26 7.37 17.36 -5.75
CA GLY A 26 7.43 16.31 -4.76
C GLY A 26 6.11 15.91 -4.18
N THR A 27 5.06 16.36 -4.82
CA THR A 27 3.73 15.94 -4.39
C THR A 27 3.04 15.21 -5.54
N VAL A 28 1.92 14.60 -5.21
CA VAL A 28 1.05 14.00 -6.19
C VAL A 28 -0.37 14.47 -5.93
N LEU A 29 -1.18 14.43 -6.99
CA LEU A 29 -2.61 14.68 -6.89
C LEU A 29 -3.30 13.36 -7.18
N LYS A 30 -4.11 12.91 -6.23
CA LYS A 30 -4.92 11.72 -6.40
C LYS A 30 -6.38 12.14 -6.59
N GLN A 31 -6.91 11.88 -7.78
CA GLN A 31 -8.29 12.26 -8.09
C GLN A 31 -9.23 11.42 -7.24
N LEU A 32 -10.22 12.08 -6.62
CA LEU A 32 -11.22 11.35 -5.84
C LEU A 32 -11.90 10.32 -6.72
N GLN A 33 -12.00 9.09 -6.22
CA GLN A 33 -12.81 8.05 -6.88
C GLN A 33 -14.29 8.49 -6.90
N PRO A 34 -15.09 7.90 -7.80
CA PRO A 34 -16.52 8.23 -7.80
C PRO A 34 -17.16 7.95 -6.43
N PRO A 35 -18.27 8.63 -6.11
CA PRO A 35 -18.90 8.39 -4.82
C PRO A 35 -19.46 6.97 -4.74
N PRO A 36 -19.48 6.33 -3.56
CA PRO A 36 -19.10 6.90 -2.28
C PRO A 36 -17.60 6.84 -1.94
N ARG A 37 -16.81 6.19 -2.78
CA ARG A 37 -15.40 5.90 -2.46
C ARG A 37 -14.53 7.15 -2.27
N GLY A 38 -14.49 8.05 -3.25
CA GLY A 38 -13.72 9.29 -3.14
C GLY A 38 -14.05 10.11 -1.90
N PRO A 39 -15.33 10.43 -1.70
CA PRO A 39 -15.76 11.15 -0.50
C PRO A 39 -15.30 10.50 0.82
N ARG A 40 -15.35 9.16 0.87
CA ARG A 40 -14.88 8.41 2.05
C ARG A 40 -13.38 8.56 2.28
N GLU A 41 -12.60 8.51 1.19
CA GLU A 41 -11.15 8.68 1.30
C GLU A 41 -10.77 10.11 1.75
N LEU A 42 -11.45 11.10 1.19
CA LEU A 42 -11.30 12.48 1.67
C LEU A 42 -11.55 12.57 3.17
N GLU A 43 -12.67 12.00 3.62
CA GLU A 43 -13.08 12.00 5.02
C GLU A 43 -12.00 11.37 5.91
N PHE A 44 -11.42 10.27 5.42
CA PHE A 44 -10.37 9.58 6.16
C PHE A 44 -9.14 10.47 6.34
N TYR A 45 -8.62 11.03 5.25
CA TYR A 45 -7.46 11.94 5.36
C TYR A 45 -7.77 13.15 6.25
N ASN A 46 -8.97 13.73 6.12
CA ASN A 46 -9.37 14.86 6.96
C ASN A 46 -9.42 14.54 8.46
N MET A 47 -9.90 13.34 8.78
CA MET A 47 -9.97 12.86 10.16
C MET A 47 -8.57 12.66 10.75
N VAL A 48 -7.71 11.95 10.01
CA VAL A 48 -6.37 11.61 10.53
C VAL A 48 -5.52 12.87 10.71
N TYR A 49 -5.61 13.77 9.73
CA TYR A 49 -4.78 14.99 9.71
C TYR A 49 -5.52 16.23 10.25
N ALA A 50 -6.61 16.04 11.00
CA ALA A 50 -7.30 17.16 11.61
C ALA A 50 -6.31 17.94 12.50
N ALA A 51 -6.17 19.22 12.22
CA ALA A 51 -5.21 20.08 12.94
C ALA A 51 -5.39 20.05 14.47
N ASP A 52 -6.65 19.97 14.92
CA ASP A 52 -6.97 19.88 16.35
C ASP A 52 -7.03 18.45 16.93
N CYS A 53 -6.53 17.45 16.19
CA CYS A 53 -6.53 16.07 16.66
C CYS A 53 -5.37 15.82 17.63
N PHE A 54 -5.69 15.29 18.81
CA PHE A 54 -4.69 14.83 19.78
C PHE A 54 -4.87 13.34 20.16
N ASP A 55 -5.65 12.59 19.37
CA ASP A 55 -5.73 11.14 19.52
C ASP A 55 -4.36 10.52 19.17
N GLY A 56 -3.73 9.90 20.16
CA GLY A 56 -2.40 9.27 19.98
C GLY A 56 -2.34 8.18 18.92
N VAL A 57 -3.43 7.46 18.74
CA VAL A 57 -3.53 6.45 17.68
C VAL A 57 -3.42 7.12 16.29
N LEU A 58 -4.15 8.22 16.11
CA LEU A 58 -4.18 8.91 14.82
C LEU A 58 -2.91 9.71 14.56
N LEU A 59 -2.35 10.35 15.60
CA LEU A 59 -1.05 11.01 15.50
C LEU A 59 0.05 10.02 15.08
N GLU A 60 0.06 8.82 15.65
CA GLU A 60 1.04 7.80 15.24
C GLU A 60 0.80 7.32 13.80
N LEU A 61 -0.45 7.18 13.40
CA LEU A 61 -0.78 6.72 12.04
C LEU A 61 -0.21 7.62 10.94
N ARG A 62 -0.17 8.94 11.20
CA ARG A 62 0.37 9.91 10.23
C ARG A 62 1.77 9.56 9.72
N LYS A 63 2.58 8.95 10.58
CA LYS A 63 3.94 8.56 10.20
C LYS A 63 3.96 7.56 9.03
N TYR A 64 2.91 6.76 8.89
CA TYR A 64 2.87 5.66 7.90
C TYR A 64 2.10 6.01 6.64
N LEU A 65 1.46 7.18 6.61
CA LEU A 65 0.72 7.66 5.44
C LEU A 65 1.56 8.66 4.67
N PRO A 66 1.21 8.91 3.40
CA PRO A 66 1.76 10.10 2.76
C PRO A 66 1.29 11.33 3.52
N LYS A 67 2.15 12.35 3.65
CA LYS A 67 1.71 13.61 4.21
C LYS A 67 0.57 14.15 3.36
N TYR A 68 -0.41 14.74 4.02
CA TYR A 68 -1.63 15.22 3.40
C TYR A 68 -1.65 16.75 3.45
N TYR A 69 -1.91 17.37 2.31
CA TYR A 69 -1.89 18.82 2.13
C TYR A 69 -3.28 19.36 1.82
N GLY A 70 -4.30 18.54 2.05
CA GLY A 70 -5.67 18.99 1.89
C GLY A 70 -6.25 18.65 0.55
N ILE A 71 -7.55 18.91 0.44
CA ILE A 71 -8.25 18.84 -0.83
C ILE A 71 -7.68 19.89 -1.78
N TRP A 72 -7.67 19.56 -3.06
CA TRP A 72 -7.20 20.47 -4.10
C TRP A 72 -8.08 20.31 -5.34
N SER A 73 -8.33 21.42 -6.03
N SER A 73 -8.34 21.41 -6.04
CA SER A 73 -9.01 21.40 -7.32
CA SER A 73 -9.05 21.38 -7.32
C SER A 73 -8.30 22.40 -8.22
C SER A 73 -8.48 22.49 -8.20
N PRO A 74 -8.48 22.30 -9.54
CA PRO A 74 -7.92 23.33 -10.44
C PRO A 74 -8.62 24.68 -10.24
N PRO A 75 -7.87 25.80 -10.34
CA PRO A 75 -8.39 27.16 -10.16
C PRO A 75 -9.71 27.47 -10.87
N THR A 76 -9.85 26.95 -12.10
CA THR A 76 -11.05 27.15 -12.91
C THR A 76 -12.05 25.98 -12.87
N ALA A 77 -11.86 25.01 -11.97
CA ALA A 77 -12.66 23.78 -11.97
C ALA A 77 -12.89 23.21 -10.56
N PRO A 78 -13.68 23.92 -9.72
CA PRO A 78 -13.98 23.44 -8.35
C PRO A 78 -14.72 22.09 -8.30
N ASN A 79 -15.38 21.71 -9.39
CA ASN A 79 -15.96 20.36 -9.54
C ASN A 79 -14.94 19.21 -9.47
N ASP A 80 -13.71 19.45 -9.93
CA ASP A 80 -12.72 18.38 -10.15
C ASP A 80 -11.87 18.21 -8.88
N LEU A 81 -12.20 17.19 -8.08
CA LEU A 81 -11.66 17.02 -6.72
C LEU A 81 -10.46 16.05 -6.63
N TYR A 82 -9.38 16.53 -6.00
CA TYR A 82 -8.17 15.73 -5.76
C TYR A 82 -7.72 15.83 -4.33
N LEU A 83 -6.94 14.83 -3.91
CA LEU A 83 -6.18 14.89 -2.69
C LEU A 83 -4.76 15.27 -3.07
N LYS A 84 -4.20 16.29 -2.40
CA LYS A 84 -2.80 16.65 -2.56
C LYS A 84 -2.00 15.89 -1.51
N LEU A 85 -1.12 15.01 -1.98
CA LEU A 85 -0.38 14.09 -1.13
C LEU A 85 1.12 14.15 -1.41
N GLU A 86 1.91 13.87 -0.39
CA GLU A 86 3.34 13.62 -0.53
C GLU A 86 3.65 12.56 -1.59
N ASP A 87 4.63 12.83 -2.46
CA ASP A 87 5.11 11.85 -3.40
C ASP A 87 6.17 11.04 -2.70
N VAL A 88 5.78 9.83 -2.29
CA VAL A 88 6.65 8.98 -1.48
C VAL A 88 7.89 8.46 -2.22
N THR A 89 7.91 8.59 -3.55
CA THR A 89 9.05 8.19 -4.38
C THR A 89 10.02 9.35 -4.69
N HIS A 90 9.69 10.56 -4.24
CA HIS A 90 10.43 11.77 -4.62
C HIS A 90 11.92 11.75 -4.28
N LYS A 91 12.28 11.23 -3.11
CA LYS A 91 13.69 11.18 -2.68
C LYS A 91 14.56 10.13 -3.39
N PHE A 92 13.97 9.30 -4.24
CA PHE A 92 14.69 8.23 -4.94
C PHE A 92 15.12 8.65 -6.34
N ASN A 93 16.23 8.09 -6.80
CA ASN A 93 16.77 8.35 -8.14
C ASN A 93 16.11 7.44 -9.18
N LYS A 94 16.21 6.12 -8.96
CA LYS A 94 15.55 5.11 -9.79
C LYS A 94 14.65 4.29 -8.88
N PRO A 95 13.49 4.85 -8.50
CA PRO A 95 12.63 4.13 -7.55
C PRO A 95 12.09 2.81 -8.10
N CYS A 96 12.20 1.75 -7.31
CA CYS A 96 11.54 0.48 -7.55
C CYS A 96 10.33 0.49 -6.64
N ILE A 97 9.15 0.27 -7.23
CA ILE A 97 7.89 0.49 -6.56
C ILE A 97 7.02 -0.77 -6.65
N MET A 98 6.49 -1.20 -5.51
CA MET A 98 5.50 -2.27 -5.47
C MET A 98 4.31 -1.84 -4.62
N ASP A 99 3.11 -2.12 -5.14
CA ASP A 99 1.86 -1.81 -4.47
C ASP A 99 1.25 -3.15 -4.06
N VAL A 100 1.00 -3.34 -2.76
CA VAL A 100 0.39 -4.60 -2.25
C VAL A 100 -0.87 -4.32 -1.46
N LYS A 101 -2.00 -4.85 -1.96
CA LYS A 101 -3.28 -4.78 -1.23
C LYS A 101 -3.22 -5.73 -0.03
N ILE A 102 -3.66 -5.27 1.14
CA ILE A 102 -3.54 -6.03 2.40
C ILE A 102 -4.93 -6.42 2.92
N GLY A 103 -5.05 -7.64 3.43
CA GLY A 103 -6.23 -8.10 4.16
C GLY A 103 -6.81 -9.37 3.62
N GLN A 104 -7.70 -9.99 4.39
CA GLN A 104 -8.39 -11.21 3.95
C GLN A 104 -9.60 -10.96 3.07
N LYS A 105 -10.21 -9.79 3.25
CA LYS A 105 -11.39 -9.38 2.54
C LYS A 105 -11.13 -8.02 1.88
N SER A 106 -11.41 -7.90 0.59
CA SER A 106 -11.30 -6.61 -0.11
C SER A 106 -12.66 -5.93 -0.26
N TYR A 107 -13.71 -6.56 0.25
CA TYR A 107 -15.04 -5.95 0.33
C TYR A 107 -15.21 -5.41 1.75
N ASP A 108 -16.10 -4.45 1.93
CA ASP A 108 -16.26 -3.81 3.22
C ASP A 108 -17.49 -4.37 3.98
N PRO A 109 -17.67 -3.99 5.26
CA PRO A 109 -18.75 -4.59 6.05
C PRO A 109 -20.18 -4.35 5.54
N PHE A 110 -20.37 -3.40 4.62
CA PHE A 110 -21.70 -3.08 4.08
C PHE A 110 -21.90 -3.46 2.61
N ALA A 111 -21.01 -4.31 2.10
CA ALA A 111 -21.08 -4.74 0.71
C ALA A 111 -22.30 -5.64 0.50
N SER A 112 -22.95 -5.45 -0.64
CA SER A 112 -24.02 -6.34 -1.08
C SER A 112 -23.46 -7.71 -1.50
N SER A 113 -24.36 -8.70 -1.63
CA SER A 113 -23.95 -10.03 -2.08
C SER A 113 -23.23 -10.00 -3.43
N GLU A 114 -23.81 -9.24 -4.36
CA GLU A 114 -23.20 -8.95 -5.67
C GLU A 114 -21.77 -8.42 -5.53
N LYS A 115 -21.61 -7.39 -4.71
CA LYS A 115 -20.32 -6.71 -4.52
C LYS A 115 -19.29 -7.63 -3.87
N ILE A 116 -19.71 -8.41 -2.87
CA ILE A 116 -18.82 -9.39 -2.24
C ILE A 116 -18.30 -10.38 -3.28
N GLN A 117 -19.22 -10.92 -4.06
CA GLN A 117 -18.87 -11.83 -5.13
C GLN A 117 -17.94 -11.17 -6.14
N GLN A 118 -18.22 -9.93 -6.50
CA GLN A 118 -17.37 -9.17 -7.40
C GLN A 118 -15.94 -9.09 -6.87
N GLN A 119 -15.82 -8.76 -5.58
CA GLN A 119 -14.51 -8.58 -4.94
C GLN A 119 -13.75 -9.87 -4.75
N VAL A 120 -14.44 -10.91 -4.26
CA VAL A 120 -13.80 -12.21 -4.05
C VAL A 120 -13.37 -12.79 -5.41
N SER A 121 -14.21 -12.68 -6.43
CA SER A 121 -13.86 -13.16 -7.77
C SER A 121 -12.65 -12.49 -8.39
N LYS A 122 -12.38 -11.22 -8.07
CA LYS A 122 -11.16 -10.55 -8.56
C LYS A 122 -9.90 -11.29 -8.13
N TYR A 123 -9.92 -11.85 -6.92
CA TYR A 123 -8.82 -12.66 -6.41
C TYR A 123 -9.31 -13.57 -5.28
N PRO A 124 -9.74 -14.79 -5.63
CA PRO A 124 -10.37 -15.66 -4.63
C PRO A 124 -9.42 -16.25 -3.58
N LEU A 125 -8.11 -16.04 -3.74
CA LEU A 125 -7.11 -16.43 -2.74
C LEU A 125 -6.87 -15.37 -1.65
N MET A 126 -7.63 -14.28 -1.67
CA MET A 126 -7.39 -13.21 -0.72
C MET A 126 -7.49 -13.69 0.73
N GLU A 127 -8.46 -14.54 1.03
CA GLU A 127 -8.67 -15.03 2.39
C GLU A 127 -7.48 -15.89 2.84
N GLU A 128 -7.00 -16.74 1.94
CA GLU A 128 -5.88 -17.65 2.25
C GLU A 128 -4.55 -16.94 2.37
N ILE A 129 -4.25 -16.04 1.45
CA ILE A 129 -2.92 -15.41 1.42
C ILE A 129 -2.89 -14.13 2.28
N GLY A 130 -3.96 -13.34 2.21
CA GLY A 130 -4.06 -12.11 3.00
C GLY A 130 -3.40 -10.90 2.39
N PHE A 131 -2.91 -11.02 1.16
CA PHE A 131 -2.39 -9.89 0.42
C PHE A 131 -2.40 -10.20 -1.07
N LEU A 132 -2.35 -9.14 -1.88
CA LEU A 132 -2.39 -9.24 -3.32
C LEU A 132 -1.48 -8.17 -3.91
N VAL A 133 -0.52 -8.60 -4.71
CA VAL A 133 0.36 -7.66 -5.41
C VAL A 133 -0.44 -6.98 -6.52
N LEU A 134 -0.63 -5.67 -6.41
CA LEU A 134 -1.35 -4.89 -7.42
C LEU A 134 -0.51 -4.56 -8.64
N GLY A 135 0.79 -4.38 -8.43
CA GLY A 135 1.71 -4.14 -9.53
C GLY A 135 3.10 -3.88 -9.00
N MET A 136 4.06 -3.84 -9.91
CA MET A 136 5.41 -3.46 -9.56
C MET A 136 6.13 -2.85 -10.75
N ARG A 137 7.09 -1.99 -10.43
CA ARG A 137 7.96 -1.35 -11.40
C ARG A 137 9.35 -1.54 -10.83
N VAL A 138 10.20 -2.28 -11.56
CA VAL A 138 11.55 -2.66 -11.09
C VAL A 138 12.59 -2.13 -12.07
N TYR A 139 13.53 -1.34 -11.56
CA TYR A 139 14.69 -0.89 -12.36
C TYR A 139 15.70 -2.02 -12.51
N HIS A 140 16.16 -2.24 -13.73
CA HIS A 140 17.20 -3.22 -14.01
C HIS A 140 18.45 -2.47 -14.43
N VAL A 141 19.55 -2.72 -13.71
CA VAL A 141 20.80 -1.97 -13.90
C VAL A 141 21.46 -2.34 -15.23
N HIS A 142 21.54 -3.64 -15.52
CA HIS A 142 22.11 -4.14 -16.78
C HIS A 142 21.55 -3.49 -18.06
N SER A 143 20.25 -3.22 -18.08
CA SER A 143 19.57 -2.66 -19.25
C SER A 143 19.23 -1.16 -19.16
N ASP A 144 19.43 -0.56 -17.98
CA ASP A 144 19.03 0.84 -17.72
C ASP A 144 17.54 1.07 -18.05
N SER A 145 16.71 0.13 -17.62
CA SER A 145 15.29 0.14 -17.98
C SER A 145 14.44 -0.42 -16.85
N TYR A 146 13.14 -0.20 -16.98
CA TYR A 146 12.15 -0.67 -16.02
C TYR A 146 11.35 -1.86 -16.56
N GLU A 147 11.14 -2.86 -15.69
CA GLU A 147 10.23 -3.98 -15.94
C GLU A 147 8.98 -3.68 -15.11
N THR A 148 7.81 -3.70 -15.74
CA THR A 148 6.56 -3.44 -15.06
C THR A 148 5.69 -4.70 -15.04
N GLU A 149 5.00 -4.91 -13.93
CA GLU A 149 3.96 -5.94 -13.84
C GLU A 149 2.65 -5.29 -13.51
N ASN A 150 1.60 -5.72 -14.21
CA ASN A 150 0.26 -5.14 -14.04
C ASN A 150 -0.55 -5.98 -13.04
N GLN A 151 -1.85 -5.69 -12.95
CA GLN A 151 -2.73 -6.28 -11.93
C GLN A 151 -2.89 -7.80 -12.12
N HIS A 152 -2.77 -8.26 -13.36
CA HIS A 152 -2.91 -9.70 -13.66
C HIS A 152 -1.74 -10.54 -13.16
N TYR A 153 -0.57 -9.90 -12.96
CA TYR A 153 0.58 -10.57 -12.36
C TYR A 153 0.23 -11.09 -10.96
N GLY A 154 -0.12 -10.19 -10.05
CA GLY A 154 -0.44 -10.58 -8.67
C GLY A 154 -1.63 -11.52 -8.55
N ARG A 155 -2.65 -11.29 -9.39
CA ARG A 155 -3.87 -12.11 -9.38
C ARG A 155 -3.62 -13.54 -9.89
N SER A 156 -2.49 -13.75 -10.56
CA SER A 156 -2.10 -15.09 -11.01
C SER A 156 -1.27 -15.86 -9.98
N LEU A 157 -0.85 -15.23 -8.89
CA LEU A 157 0.00 -15.90 -7.90
C LEU A 157 -0.83 -16.75 -6.95
N THR A 158 -0.27 -17.91 -6.61
CA THR A 158 -0.87 -18.87 -5.69
C THR A 158 0.06 -19.08 -4.48
N LYS A 159 -0.39 -19.89 -3.52
CA LYS A 159 0.44 -20.33 -2.38
C LYS A 159 1.78 -20.88 -2.84
N GLU A 160 1.76 -21.63 -3.94
CA GLU A 160 2.95 -22.22 -4.52
C GLU A 160 3.91 -21.20 -5.13
N THR A 161 3.39 -20.12 -5.72
CA THR A 161 4.22 -19.13 -6.43
C THR A 161 4.36 -17.76 -5.76
N ILE A 162 3.70 -17.53 -4.63
CA ILE A 162 3.73 -16.21 -3.99
C ILE A 162 5.14 -15.74 -3.58
N LYS A 163 5.95 -16.65 -3.05
CA LYS A 163 7.31 -16.30 -2.61
C LYS A 163 8.16 -15.80 -3.79
N ASP A 164 8.23 -16.58 -4.85
CA ASP A 164 8.95 -16.16 -6.06
C ASP A 164 8.30 -14.95 -6.72
N GLY A 165 6.98 -14.84 -6.62
CA GLY A 165 6.23 -13.70 -7.14
C GLY A 165 6.60 -12.40 -6.48
N VAL A 166 6.72 -12.43 -5.15
CA VAL A 166 7.18 -11.27 -4.38
C VAL A 166 8.68 -11.00 -4.59
N SER A 167 9.50 -12.06 -4.61
N SER A 167 9.48 -12.07 -4.59
CA SER A 167 10.95 -11.88 -4.75
CA SER A 167 10.93 -11.99 -4.82
C SER A 167 11.38 -11.29 -6.10
C SER A 167 11.29 -11.16 -6.03
N ARG A 168 10.50 -11.30 -7.11
CA ARG A 168 10.76 -10.60 -8.38
C ARG A 168 10.99 -9.09 -8.17
N PHE A 169 10.26 -8.49 -7.24
CA PHE A 169 10.37 -7.06 -6.95
C PHE A 169 11.79 -6.66 -6.54
N PHE A 170 12.48 -7.56 -5.86
CA PHE A 170 13.81 -7.30 -5.32
C PHE A 170 14.97 -7.80 -6.18
N HIS A 171 14.72 -8.18 -7.44
CA HIS A 171 15.79 -8.57 -8.36
C HIS A 171 16.28 -7.35 -9.15
N ASN A 172 17.43 -6.81 -8.74
CA ASN A 172 17.99 -5.49 -9.16
C ASN A 172 19.48 -5.46 -8.80
N GLY A 173 20.29 -4.83 -9.66
CA GLY A 173 21.72 -4.66 -9.40
C GLY A 173 22.49 -5.98 -9.37
N TYR A 174 22.19 -6.85 -10.33
CA TYR A 174 22.86 -8.15 -10.53
C TYR A 174 22.65 -9.18 -9.40
N CYS A 175 21.67 -8.94 -8.53
CA CYS A 175 21.53 -9.68 -7.28
C CYS A 175 20.09 -9.63 -6.75
N LEU A 176 19.80 -10.49 -5.78
CA LEU A 176 18.60 -10.34 -4.95
C LEU A 176 18.89 -9.29 -3.89
N ARG A 177 18.08 -8.23 -3.85
CA ARG A 177 18.31 -7.13 -2.90
C ARG A 177 17.82 -7.46 -1.49
N LYS A 178 18.55 -8.34 -0.80
CA LYS A 178 18.18 -8.75 0.55
C LYS A 178 18.22 -7.58 1.56
N ASP A 179 19.05 -6.58 1.32
CA ASP A 179 19.01 -5.33 2.11
C ASP A 179 17.62 -4.64 2.07
N ALA A 180 17.02 -4.55 0.89
CA ALA A 180 15.69 -3.96 0.72
C ALA A 180 14.62 -4.87 1.33
N VAL A 181 14.77 -6.18 1.17
CA VAL A 181 13.87 -7.16 1.80
C VAL A 181 13.88 -7.02 3.33
N ALA A 182 15.06 -6.97 3.94
CA ALA A 182 15.16 -6.86 5.40
C ALA A 182 14.61 -5.52 5.93
N ALA A 183 14.95 -4.44 5.24
CA ALA A 183 14.44 -3.11 5.59
C ALA A 183 12.89 -3.06 5.49
N SER A 184 12.33 -3.70 4.47
CA SER A 184 10.88 -3.77 4.31
C SER A 184 10.21 -4.49 5.47
N ILE A 185 10.78 -5.63 5.89
CA ILE A 185 10.29 -6.34 7.08
C ILE A 185 10.28 -5.42 8.30
N GLN A 186 11.41 -4.72 8.51
CA GLN A 186 11.54 -3.82 9.66
C GLN A 186 10.53 -2.67 9.65
N LYS A 187 10.27 -2.12 8.47
CA LYS A 187 9.26 -1.05 8.32
C LYS A 187 7.83 -1.56 8.49
N ILE A 188 7.53 -2.74 7.92
CA ILE A 188 6.20 -3.37 8.05
C ILE A 188 5.93 -3.70 9.50
N GLU A 189 6.96 -4.13 10.24
CA GLU A 189 6.79 -4.46 11.64
C GLU A 189 6.28 -3.27 12.47
N LYS A 190 6.73 -2.06 12.14
CA LYS A 190 6.22 -0.85 12.84
C LYS A 190 4.75 -0.61 12.53
N ILE A 191 4.35 -0.87 11.28
CA ILE A 191 2.94 -0.74 10.89
C ILE A 191 2.12 -1.81 11.61
N LEU A 192 2.62 -3.04 11.67
CA LEU A 192 1.98 -4.12 12.42
C LEU A 192 1.78 -3.73 13.88
N GLN A 193 2.81 -3.18 14.49
CA GLN A 193 2.73 -2.71 15.88
C GLN A 193 1.64 -1.66 16.10
N TRP A 194 1.49 -0.74 15.16
CA TRP A 194 0.40 0.22 15.20
C TRP A 194 -0.96 -0.50 15.19
N PHE A 195 -1.13 -1.46 14.28
CA PHE A 195 -2.37 -2.25 14.20
C PHE A 195 -2.63 -3.10 15.45
N GLU A 196 -1.57 -3.64 16.04
CA GLU A 196 -1.63 -4.33 17.34
C GLU A 196 -2.12 -3.46 18.51
N ASN A 197 -2.04 -2.13 18.35
CA ASN A 197 -2.32 -1.18 19.43
C ASN A 197 -3.46 -0.20 19.11
N GLN A 198 -4.34 -0.58 18.17
CA GLN A 198 -5.55 0.21 17.90
C GLN A 198 -6.75 -0.72 17.63
N LYS A 199 -7.93 -0.31 18.11
CA LYS A 199 -9.18 -1.02 17.85
C LYS A 199 -10.28 -0.03 17.47
N GLN A 200 -9.92 0.94 16.63
CA GLN A 200 -10.85 1.99 16.21
C GLN A 200 -11.07 2.12 14.70
N LEU A 201 -10.18 1.52 13.89
CA LEU A 201 -10.31 1.55 12.44
C LEU A 201 -10.06 0.17 11.88
N ASN A 202 -10.89 -0.22 10.91
CA ASN A 202 -10.65 -1.43 10.11
C ASN A 202 -10.53 -1.00 8.64
N PHE A 203 -9.58 -1.59 7.92
CA PHE A 203 -9.14 -1.14 6.59
C PHE A 203 -9.37 -2.26 5.59
N TYR A 204 -10.19 -1.99 4.59
CA TYR A 204 -10.47 -2.96 3.53
C TYR A 204 -10.03 -2.38 2.21
N ALA A 205 -9.47 -3.23 1.35
CA ALA A 205 -8.95 -2.82 0.04
C ALA A 205 -7.89 -1.70 0.09
N SER A 206 -7.17 -1.59 1.20
N SER A 206 -7.16 -1.64 1.20
CA SER A 206 -6.10 -0.61 1.32
CA SER A 206 -6.10 -0.67 1.40
C SER A 206 -4.79 -1.33 1.06
C SER A 206 -4.79 -1.35 1.04
N SER A 207 -3.74 -0.54 0.80
CA SER A 207 -2.48 -1.06 0.29
C SER A 207 -1.27 -0.55 1.03
N LEU A 208 -0.17 -1.26 0.81
CA LEU A 208 1.16 -0.82 1.18
C LEU A 208 1.95 -0.53 -0.09
N LEU A 209 2.59 0.64 -0.10
CA LEU A 209 3.44 1.04 -1.21
C LEU A 209 4.85 0.88 -0.73
N PHE A 210 5.62 0.02 -1.42
CA PHE A 210 7.01 -0.25 -1.13
C PHE A 210 7.85 0.46 -2.16
N VAL A 211 8.89 1.15 -1.69
CA VAL A 211 9.84 1.81 -2.57
C VAL A 211 11.25 1.54 -2.08
N TYR A 212 12.14 1.13 -2.99
CA TYR A 212 13.58 1.14 -2.71
C TYR A 212 14.36 1.74 -3.87
N GLU A 213 15.63 2.03 -3.62
CA GLU A 213 16.49 2.64 -4.60
C GLU A 213 17.12 1.58 -5.51
N GLY A 214 16.79 1.65 -6.80
CA GLY A 214 17.36 0.75 -7.80
C GLY A 214 18.66 1.20 -8.47
N SER A 215 19.04 2.47 -8.31
CA SER A 215 20.18 3.03 -9.06
C SER A 215 21.52 2.52 -8.58
N SER A 216 22.54 2.68 -9.43
CA SER A 216 23.91 2.25 -9.16
C SER A 216 24.69 3.32 -8.41
N GLY A 221 21.77 1.35 0.02
CA GLY A 221 21.63 0.06 0.68
C GLY A 221 20.77 0.20 1.92
N GLY A 222 19.78 -0.67 2.06
CA GLY A 222 18.91 -0.71 3.23
C GLY A 222 17.89 0.41 3.32
N GLU A 223 17.74 1.20 2.25
CA GLU A 223 16.91 2.40 2.24
C GLU A 223 15.58 2.14 1.53
N VAL A 224 14.50 2.09 2.32
CA VAL A 224 13.18 1.70 1.84
C VAL A 224 12.15 2.69 2.35
N GLU A 225 11.11 2.92 1.56
CA GLU A 225 9.87 3.51 2.06
C GLU A 225 8.76 2.47 2.01
N VAL A 226 7.98 2.39 3.09
CA VAL A 226 6.74 1.61 3.12
C VAL A 226 5.66 2.54 3.68
N ARG A 227 4.64 2.82 2.88
CA ARG A 227 3.53 3.67 3.30
C ARG A 227 2.20 3.03 3.03
N MET A 228 1.25 3.31 3.91
CA MET A 228 -0.13 2.87 3.73
C MET A 228 -0.81 3.86 2.81
N ILE A 229 -1.57 3.34 1.84
CA ILE A 229 -2.37 4.14 0.92
C ILE A 229 -3.73 3.48 0.65
N ASP A 230 -4.62 4.22 -0.02
CA ASP A 230 -5.90 3.73 -0.55
C ASP A 230 -6.94 3.51 0.55
N PHE A 231 -7.66 4.58 0.89
CA PHE A 231 -8.50 4.61 2.09
C PHE A 231 -9.98 4.86 1.81
N ALA A 232 -10.50 4.34 0.69
CA ALA A 232 -11.92 4.49 0.37
C ALA A 232 -12.82 3.51 1.16
N HIS A 233 -12.23 2.54 1.84
CA HIS A 233 -12.99 1.56 2.61
C HIS A 233 -12.41 1.36 4.02
N VAL A 234 -12.23 2.45 4.73
CA VAL A 234 -11.84 2.42 6.13
C VAL A 234 -13.04 2.78 6.99
N PHE A 235 -13.32 1.93 7.96
CA PHE A 235 -14.54 2.06 8.74
C PHE A 235 -14.25 2.10 10.23
N PRO A 236 -15.11 2.79 11.01
CA PRO A 236 -14.99 2.72 12.47
C PRO A 236 -15.17 1.29 12.95
N SER A 237 -14.48 0.94 14.02
CA SER A 237 -14.51 -0.41 14.53
C SER A 237 -14.38 -0.39 16.04
N ASN A 238 -14.64 -1.53 16.67
CA ASN A 238 -14.31 -1.74 18.08
C ASN A 238 -13.49 -3.01 18.31
N THR A 239 -12.87 -3.52 17.23
CA THR A 239 -12.02 -4.73 17.29
C THR A 239 -10.70 -4.47 16.56
N ILE A 240 -9.76 -5.36 16.83
CA ILE A 240 -8.51 -5.45 16.07
C ILE A 240 -8.87 -5.72 14.62
N ASP A 241 -8.13 -5.13 13.69
CA ASP A 241 -8.34 -5.41 12.29
C ASP A 241 -7.62 -6.72 11.97
N GLU A 242 -8.34 -7.82 12.15
CA GLU A 242 -7.71 -9.14 12.15
C GLU A 242 -7.24 -9.58 10.79
N GLY A 243 -8.01 -9.24 9.76
CA GLY A 243 -7.64 -9.56 8.38
C GLY A 243 -6.40 -8.82 7.96
N TYR A 244 -6.27 -7.56 8.37
CA TYR A 244 -5.10 -6.74 8.03
C TYR A 244 -3.87 -7.32 8.73
N VAL A 245 -4.01 -7.61 10.02
CA VAL A 245 -2.93 -8.21 10.80
C VAL A 245 -2.47 -9.52 10.15
N TYR A 246 -3.43 -10.39 9.77
CA TYR A 246 -3.10 -11.65 9.10
C TYR A 246 -2.25 -11.44 7.84
N GLY A 247 -2.69 -10.49 7.00
CA GLY A 247 -1.98 -10.16 5.78
C GLY A 247 -0.56 -9.65 6.00
N LEU A 248 -0.41 -8.74 6.95
CA LEU A 248 0.90 -8.21 7.29
C LEU A 248 1.84 -9.28 7.77
N LYS A 249 1.32 -10.11 8.67
CA LYS A 249 2.12 -11.24 9.19
C LYS A 249 2.51 -12.20 8.12
N HIS A 250 1.57 -12.55 7.23
CA HIS A 250 1.91 -13.44 6.14
C HIS A 250 2.93 -12.79 5.21
N LEU A 251 2.76 -11.50 4.92
CA LEU A 251 3.72 -10.80 4.06
C LEU A 251 5.12 -10.79 4.69
N ILE A 252 5.19 -10.48 5.98
CA ILE A 252 6.45 -10.56 6.74
C ILE A 252 7.08 -11.95 6.64
N SER A 253 6.29 -13.00 6.82
N SER A 253 6.27 -12.98 6.82
CA SER A 253 6.79 -14.37 6.74
CA SER A 253 6.74 -14.36 6.74
C SER A 253 7.34 -14.72 5.36
C SER A 253 7.33 -14.70 5.38
N VAL A 254 6.68 -14.24 4.31
CA VAL A 254 7.15 -14.45 2.93
C VAL A 254 8.47 -13.72 2.71
N LEU A 255 8.52 -12.45 3.09
CA LEU A 255 9.76 -11.67 2.99
C LEU A 255 10.90 -12.32 3.81
N ARG A 256 10.59 -12.80 5.01
CA ARG A 256 11.59 -13.48 5.82
C ARG A 256 12.16 -14.72 5.13
N SER A 257 11.28 -15.51 4.50
N SER A 257 11.27 -15.50 4.51
CA SER A 257 11.73 -16.69 3.76
CA SER A 257 11.69 -16.68 3.74
C SER A 257 12.65 -16.31 2.59
C SER A 257 12.61 -16.32 2.58
N ILE A 258 12.39 -15.16 1.96
CA ILE A 258 13.24 -14.66 0.86
C ILE A 258 14.67 -14.35 1.35
N LEU A 259 14.81 -13.94 2.61
CA LEU A 259 16.15 -13.76 3.20
C LEU A 259 17.00 -15.06 3.26
N ASP A 260 16.37 -16.23 3.22
CA ASP A 260 17.09 -17.51 3.14
C ASP A 260 17.49 -17.96 1.73
N ASN A 261 17.15 -17.20 0.68
CA ASN A 261 17.45 -17.59 -0.72
C ASN A 261 18.92 -17.73 -1.02
C01 IRH B . 6.50 5.98 -10.31
O25 IRH B . 5.10 6.26 -10.20
C16 IRH B . 4.33 5.74 -9.21
C15 IRH B . 3.88 6.52 -8.16
C17 IRH B . 3.96 4.40 -9.33
O24 IRH B . 4.44 3.71 -10.39
C18 IRH B . 3.15 3.81 -8.35
C19 IRH B . 2.70 4.59 -7.29
C14 IRH B . 3.06 5.95 -7.17
C11 IRH B . 2.56 6.66 -6.07
O12 IRH B . 1.30 6.29 -5.67
C4 IRH B . 0.64 6.89 -4.63
C5 IRH B . -0.66 6.48 -4.36
C6 IRH B . -1.38 7.06 -3.33
O29 IRH B . -2.67 6.67 -3.07
C1 IRH B . -0.78 8.05 -2.57
C2 IRH B . 0.52 8.45 -2.84
O30 IRH B . 1.10 9.40 -2.08
C3 IRH B . 1.27 7.88 -3.88
C9 IRH B . 2.58 8.27 -4.20
O13 IRH B . 3.14 9.16 -3.58
C10 IRH B . 3.19 7.67 -5.32
O27 IRH B . 4.42 8.10 -5.67
#